data_3MB4
#
_entry.id   3MB4
#
_cell.length_a   41.957
_cell.length_b   52.221
_cell.length_c   134.964
_cell.angle_alpha   90.000
_cell.angle_beta   90.000
_cell.angle_gamma   90.000
#
_symmetry.space_group_name_H-M   'P 21 21 21'
#
loop_
_entity.id
_entity.type
_entity.pdbx_description
1 polymer 'Protein polybromo-1'
2 non-polymer 1,2-ETHANEDIOL
3 non-polymer 1-methylpyrrolidin-2-one
4 non-polymer 'CHLORIDE ION'
5 water water
#
_entity_poly.entity_id   1
_entity_poly.type   'polypeptide(L)'
_entity_poly.pdbx_seq_one_letter_code
;SMSGISPKKSKYMTPMQQKLNEVYEAVKNYTDKRGRRLSAIFLRLPSRSELPDYYLTIKKPMDMEKIRSHMMANKYQDID
SMVEDFVMMFNNACTYNEPESLIYKDALVLHKVLLETRRDLEGD
;
_entity_poly.pdbx_strand_id   A,B
#
# COMPACT_ATOMS: atom_id res chain seq x y z
N SER A 10 -32.12 0.59 5.43
CA SER A 10 -31.08 0.42 4.37
C SER A 10 -29.70 0.71 4.93
N LYS A 11 -29.48 1.88 5.52
CA LYS A 11 -28.12 2.20 6.02
C LYS A 11 -27.79 1.66 7.42
N TYR A 12 -28.80 1.20 8.15
CA TYR A 12 -28.57 0.66 9.49
C TYR A 12 -28.24 -0.81 9.46
N MET A 13 -27.00 -1.10 9.86
CA MET A 13 -26.46 -2.45 9.93
C MET A 13 -27.00 -3.19 11.16
N THR A 14 -27.21 -4.50 11.01
CA THR A 14 -27.45 -5.38 12.14
C THR A 14 -26.19 -5.46 12.99
N PRO A 15 -26.35 -5.89 14.25
CA PRO A 15 -25.18 -6.16 15.09
C PRO A 15 -24.09 -7.02 14.43
N MET A 16 -24.45 -8.13 13.78
CA MET A 16 -23.44 -8.96 13.13
C MET A 16 -22.76 -8.22 11.99
N GLN A 17 -23.55 -7.51 11.16
CA GLN A 17 -22.96 -6.68 10.11
C GLN A 17 -22.00 -5.63 10.69
N GLN A 18 -22.33 -5.05 11.83
CA GLN A 18 -21.48 -4.04 12.43
C GLN A 18 -20.21 -4.66 12.94
N LYS A 19 -20.31 -5.87 13.49
CA LYS A 19 -19.13 -6.53 14.02
C LYS A 19 -18.16 -6.88 12.89
N LEU A 20 -18.69 -7.44 11.81
CA LEU A 20 -17.92 -7.74 10.60
C LEU A 20 -17.21 -6.49 10.07
N ASN A 21 -17.98 -5.43 9.91
CA ASN A 21 -17.41 -4.16 9.51
C ASN A 21 -16.31 -3.65 10.43
N GLU A 22 -16.51 -3.74 11.75
CA GLU A 22 -15.52 -3.29 12.70
C GLU A 22 -14.20 -4.07 12.63
N VAL A 23 -14.29 -5.38 12.47
CA VAL A 23 -13.11 -6.26 12.29
C VAL A 23 -12.38 -5.87 11.02
N TYR A 24 -13.12 -5.71 9.91
CA TYR A 24 -12.55 -5.37 8.61
C TYR A 24 -11.85 -4.03 8.72
N GLU A 25 -12.55 -3.05 9.29
CA GLU A 25 -11.99 -1.67 9.42
C GLU A 25 -10.77 -1.64 10.34
N ALA A 26 -10.74 -2.51 11.34
CA ALA A 26 -9.62 -2.52 12.28
C ALA A 26 -8.33 -2.89 11.52
N VAL A 27 -8.42 -3.88 10.64
CA VAL A 27 -7.26 -4.32 9.86
C VAL A 27 -6.92 -3.22 8.81
N LYS A 28 -7.95 -2.73 8.13
CA LYS A 28 -7.76 -1.72 7.09
C LYS A 28 -7.10 -0.48 7.67
N ASN A 29 -7.57 -0.02 8.84
CA ASN A 29 -7.18 1.31 9.34
C ASN A 29 -5.96 1.30 10.26
N TYR A 30 -5.52 0.11 10.66
CA TYR A 30 -4.40 -0.04 11.59
C TYR A 30 -3.20 0.82 11.11
N THR A 31 -2.72 1.71 11.98
CA THR A 31 -1.45 2.39 11.77
C THR A 31 -0.56 2.08 12.97
N ASP A 32 0.70 1.80 12.66
CA ASP A 32 1.67 1.51 13.68
C ASP A 32 2.17 2.76 14.37
N LYS A 33 3.13 2.62 15.28
CA LYS A 33 3.57 3.73 16.10
C LYS A 33 4.28 4.80 15.28
N ARG A 34 4.77 4.41 14.09
CA ARG A 34 5.37 5.36 13.17
C ARG A 34 4.38 5.99 12.15
N GLY A 35 3.11 5.66 12.25
CA GLY A 35 2.07 6.23 11.36
C GLY A 35 1.85 5.41 10.08
N ARG A 36 2.52 4.28 9.95
CA ARG A 36 2.40 3.50 8.71
C ARG A 36 1.15 2.60 8.69
N ARG A 37 0.37 2.72 7.61
CA ARG A 37 -0.84 1.96 7.47
C ARG A 37 -0.50 0.69 6.68
N LEU A 38 -0.40 -0.41 7.40
CA LEU A 38 0.12 -1.66 6.86
C LEU A 38 -0.75 -2.26 5.77
N SER A 39 -2.06 -2.02 5.82
CA SER A 39 -2.99 -2.65 4.89
C SER A 39 -2.85 -2.23 3.45
N ALA A 40 -2.17 -1.11 3.22
CA ALA A 40 -2.08 -0.57 1.84
C ALA A 40 -1.72 -1.59 0.77
N ILE A 41 -0.82 -2.52 1.09
CA ILE A 41 -0.34 -3.50 0.12
C ILE A 41 -1.19 -4.80 0.06
N PHE A 42 -2.24 -4.86 0.87
CA PHE A 42 -3.11 -6.04 0.95
C PHE A 42 -4.47 -5.81 0.29
N LEU A 43 -4.69 -4.60 -0.19
CA LEU A 43 -6.02 -4.23 -0.70
C LEU A 43 -6.37 -5.00 -1.95
N ARG A 44 -5.45 -5.02 -2.93
CA ARG A 44 -5.66 -5.67 -4.22
C ARG A 44 -4.38 -6.35 -4.69
N LEU A 45 -4.50 -7.61 -4.99
CA LEU A 45 -3.42 -8.35 -5.63
C LEU A 45 -3.17 -7.87 -7.05
N PRO A 46 -1.95 -8.11 -7.52
CA PRO A 46 -1.71 -7.94 -8.93
C PRO A 46 -2.53 -8.92 -9.76
N SER A 47 -2.80 -8.55 -11.01
CA SER A 47 -3.49 -9.41 -11.97
C SER A 47 -2.64 -10.64 -12.34
N ARG A 48 -3.28 -11.66 -12.89
CA ARG A 48 -2.60 -12.91 -13.28
C ARG A 48 -1.55 -12.65 -14.35
N SER A 49 -1.75 -11.61 -15.14
CA SER A 49 -0.80 -11.27 -16.20
C SER A 49 0.29 -10.30 -15.74
N GLU A 50 0.09 -9.63 -14.62
CA GLU A 50 1.18 -8.86 -13.99
C GLU A 50 2.19 -9.75 -13.23
N LEU A 51 1.70 -10.82 -12.61
CA LEU A 51 2.52 -11.69 -11.79
C LEU A 51 2.05 -13.13 -11.88
N PRO A 52 2.22 -13.78 -13.06
CA PRO A 52 1.71 -15.13 -13.24
C PRO A 52 2.21 -16.13 -12.21
N ASP A 53 3.49 -16.02 -11.84
CA ASP A 53 4.13 -16.91 -10.88
C ASP A 53 3.32 -16.99 -9.57
N TYR A 54 2.74 -15.85 -9.18
CA TYR A 54 1.93 -15.77 -7.96
C TYR A 54 0.78 -16.79 -7.97
N TYR A 55 0.02 -16.80 -9.07
CA TYR A 55 -1.19 -17.61 -9.19
C TYR A 55 -0.87 -19.10 -9.45
N LEU A 56 0.36 -19.38 -9.88
CA LEU A 56 0.83 -20.76 -9.94
C LEU A 56 1.17 -21.30 -8.55
N THR A 57 1.66 -20.41 -7.69
CA THR A 57 2.17 -20.75 -6.35
C THR A 57 1.00 -20.76 -5.31
N ILE A 58 0.08 -19.83 -5.46
CA ILE A 58 -0.98 -19.59 -4.44
C ILE A 58 -2.35 -20.16 -4.88
N LYS A 59 -2.78 -21.21 -4.18
CA LYS A 59 -3.99 -21.96 -4.54
C LYS A 59 -5.27 -21.16 -4.43
N LYS A 60 -5.37 -20.33 -3.40
CA LYS A 60 -6.60 -19.57 -3.15
C LYS A 60 -6.28 -18.09 -2.96
N PRO A 61 -6.13 -17.36 -4.08
CA PRO A 61 -5.80 -15.94 -3.92
C PRO A 61 -6.86 -15.13 -3.14
N MET A 62 -6.38 -14.24 -2.29
CA MET A 62 -7.21 -13.45 -1.39
C MET A 62 -6.61 -12.07 -1.16
N ASP A 63 -7.48 -11.06 -1.22
CA ASP A 63 -7.09 -9.71 -0.86
C ASP A 63 -8.23 -9.01 -0.14
N MET A 64 -7.96 -7.82 0.39
CA MET A 64 -8.95 -7.14 1.19
C MET A 64 -10.20 -6.72 0.38
N GLU A 65 -10.00 -6.36 -0.87
CA GLU A 65 -11.13 -6.02 -1.68
C GLU A 65 -12.13 -7.19 -1.84
N LYS A 66 -11.58 -8.41 -1.95
CA LYS A 66 -12.38 -9.63 -2.14
C LYS A 66 -13.15 -9.84 -0.84
N ILE A 67 -12.46 -9.64 0.26
CA ILE A 67 -13.07 -9.73 1.62
C ILE A 67 -14.18 -8.68 1.72
N ARG A 68 -13.89 -7.40 1.41
CA ARG A 68 -14.86 -6.38 1.56
C ARG A 68 -16.12 -6.70 0.70
N SER A 69 -15.88 -7.07 -0.54
CA SER A 69 -16.96 -7.40 -1.46
C SER A 69 -17.89 -8.49 -0.86
N HIS A 70 -17.28 -9.53 -0.32
CA HIS A 70 -18.01 -10.66 0.27
C HIS A 70 -18.84 -10.16 1.44
N MET A 71 -18.24 -9.30 2.26
CA MET A 71 -18.94 -8.73 3.42
C MET A 71 -20.13 -7.87 2.98
N MET A 72 -19.91 -6.98 2.00
CA MET A 72 -20.92 -6.11 1.51
C MET A 72 -22.09 -6.88 0.89
N ALA A 73 -21.80 -8.05 0.39
CA ALA A 73 -22.81 -8.92 -0.16
C ALA A 73 -23.55 -9.77 0.88
N ASN A 74 -23.20 -9.60 2.14
CA ASN A 74 -23.76 -10.38 3.25
C ASN A 74 -23.46 -11.87 3.16
N LYS A 75 -22.26 -12.16 2.64
CA LYS A 75 -21.90 -13.55 2.38
C LYS A 75 -21.13 -14.18 3.55
N TYR A 76 -20.73 -13.38 4.54
CA TYR A 76 -20.09 -13.91 5.79
C TYR A 76 -21.20 -14.08 6.83
N GLN A 77 -21.39 -15.28 7.35
CA GLN A 77 -22.47 -15.46 8.30
C GLN A 77 -22.01 -15.23 9.75
N ASP A 78 -20.71 -15.24 9.97
CA ASP A 78 -20.16 -15.03 11.29
C ASP A 78 -18.74 -14.45 11.19
N ILE A 79 -18.18 -14.08 12.35
CA ILE A 79 -16.85 -13.45 12.38
C ILE A 79 -15.77 -14.48 12.00
N ASP A 80 -15.94 -15.74 12.39
CA ASP A 80 -14.91 -16.73 12.14
C ASP A 80 -14.70 -16.92 10.64
N SER A 81 -15.76 -16.78 9.85
CA SER A 81 -15.67 -16.94 8.39
C SER A 81 -14.82 -15.85 7.76
N MET A 82 -15.00 -14.62 8.27
CA MET A 82 -14.18 -13.49 7.83
C MET A 82 -12.72 -13.66 8.27
N VAL A 83 -12.52 -14.11 9.51
CA VAL A 83 -11.17 -14.33 10.01
C VAL A 83 -10.43 -15.36 9.17
N GLU A 84 -11.14 -16.39 8.77
CA GLU A 84 -10.57 -17.44 7.92
C GLU A 84 -10.01 -16.85 6.63
N ASP A 85 -10.73 -15.92 6.01
CA ASP A 85 -10.23 -15.33 4.77
C ASP A 85 -9.02 -14.40 5.00
N PHE A 86 -9.04 -13.65 6.09
CA PHE A 86 -7.87 -12.83 6.44
C PHE A 86 -6.66 -13.73 6.66
N VAL A 87 -6.88 -14.82 7.40
CA VAL A 87 -5.80 -15.79 7.63
C VAL A 87 -5.23 -16.35 6.32
N MET A 88 -6.10 -16.71 5.39
CA MET A 88 -5.68 -17.16 4.08
C MET A 88 -4.82 -16.09 3.42
N MET A 89 -5.30 -14.86 3.45
CA MET A 89 -4.55 -13.74 2.83
C MET A 89 -3.15 -13.61 3.40
N PHE A 90 -3.05 -13.61 4.73
CA PHE A 90 -1.77 -13.41 5.39
C PHE A 90 -0.90 -14.63 5.13
N ASN A 91 -1.49 -15.84 5.15
CA ASN A 91 -0.69 -17.02 4.90
C ASN A 91 -0.17 -17.07 3.47
N ASN A 92 -0.96 -16.57 2.51
CA ASN A 92 -0.49 -16.51 1.13
C ASN A 92 0.72 -15.60 1.01
N ALA A 93 0.66 -14.47 1.71
CA ALA A 93 1.75 -13.45 1.67
C ALA A 93 2.98 -14.08 2.25
N CYS A 94 2.78 -14.87 3.31
CA CYS A 94 3.93 -15.57 3.97
C CYS A 94 4.42 -16.82 3.22
N THR A 95 3.65 -17.30 2.25
CA THR A 95 4.07 -18.43 1.42
C THR A 95 4.82 -17.95 0.18
N TYR A 96 4.32 -16.89 -0.44
CA TYR A 96 4.97 -16.35 -1.64
C TYR A 96 6.24 -15.55 -1.37
N ASN A 97 6.25 -14.84 -0.25
CA ASN A 97 7.36 -13.96 0.07
C ASN A 97 8.26 -14.57 1.16
N GLU A 98 9.50 -14.13 1.18
CA GLU A 98 10.50 -14.71 2.08
C GLU A 98 10.30 -14.08 3.46
N PRO A 99 10.66 -14.80 4.56
CA PRO A 99 10.47 -14.30 5.93
C PRO A 99 11.16 -12.95 6.24
N GLU A 100 12.21 -12.63 5.50
CA GLU A 100 12.91 -11.35 5.65
CA GLU A 100 12.92 -11.32 5.65
C GLU A 100 12.12 -10.17 5.07
N SER A 101 11.17 -10.45 4.18
CA SER A 101 10.50 -9.38 3.40
C SER A 101 9.49 -8.52 4.19
N LEU A 102 9.26 -7.32 3.72
CA LEU A 102 8.30 -6.44 4.38
C LEU A 102 6.89 -7.00 4.36
N ILE A 103 6.46 -7.58 3.23
CA ILE A 103 5.08 -8.05 3.08
C ILE A 103 4.84 -9.19 4.10
N TYR A 104 5.82 -10.08 4.21
CA TYR A 104 5.74 -11.20 5.15
C TYR A 104 5.59 -10.65 6.57
N LYS A 105 6.42 -9.67 6.91
CA LYS A 105 6.46 -9.09 8.26
C LYS A 105 5.17 -8.37 8.60
N ASP A 106 4.66 -7.59 7.64
CA ASP A 106 3.41 -6.88 7.80
C ASP A 106 2.22 -7.79 7.93
N ALA A 107 2.25 -8.93 7.22
CA ALA A 107 1.19 -9.92 7.34
C ALA A 107 1.14 -10.43 8.78
N LEU A 108 2.30 -10.63 9.40
CA LEU A 108 2.33 -11.11 10.80
C LEU A 108 1.72 -10.07 11.78
N VAL A 109 2.04 -8.80 11.57
CA VAL A 109 1.53 -7.72 12.42
C VAL A 109 0.03 -7.62 12.27
N LEU A 110 -0.44 -7.58 11.02
CA LEU A 110 -1.87 -7.51 10.78
C LEU A 110 -2.61 -8.73 11.29
N HIS A 111 -1.98 -9.91 11.26
CA HIS A 111 -2.62 -11.10 11.84
C HIS A 111 -2.87 -10.90 13.34
N LYS A 112 -1.90 -10.30 14.01
CA LYS A 112 -1.99 -9.99 15.42
C LYS A 112 -3.10 -8.97 15.64
N VAL A 113 -3.17 -7.95 14.78
CA VAL A 113 -4.24 -6.94 14.88
C VAL A 113 -5.60 -7.63 14.77
N LEU A 114 -5.71 -8.54 13.82
CA LEU A 114 -6.95 -9.26 13.57
C LEU A 114 -7.43 -10.07 14.78
N LEU A 115 -6.53 -10.83 15.35
CA LEU A 115 -6.89 -11.66 16.46
C LEU A 115 -7.15 -10.84 17.71
N GLU A 116 -6.38 -9.77 17.94
CA GLU A 116 -6.63 -8.92 19.11
C GLU A 116 -8.00 -8.28 19.00
N THR A 117 -8.33 -7.81 17.79
CA THR A 117 -9.61 -7.19 17.54
C THR A 117 -10.74 -8.15 17.83
N ARG A 118 -10.66 -9.36 17.29
CA ARG A 118 -11.67 -10.39 17.57
C ARG A 118 -11.80 -10.65 19.08
N ARG A 119 -10.69 -10.78 19.78
CA ARG A 119 -10.71 -11.01 21.21
C ARG A 119 -11.37 -9.83 21.96
N ASP A 120 -10.99 -8.60 21.59
CA ASP A 120 -11.52 -7.36 22.20
C ASP A 120 -13.03 -7.20 22.00
N LEU A 121 -13.56 -7.70 20.87
CA LEU A 121 -14.99 -7.63 20.57
C LEU A 121 -15.75 -8.88 21.03
N GLU A 122 -15.08 -9.75 21.79
CA GLU A 122 -15.63 -11.06 22.21
C GLU A 122 -17.04 -11.03 22.78
N GLY A 123 -17.30 -10.08 23.68
CA GLY A 123 -18.65 -9.90 24.26
C GLY A 123 -19.55 -8.95 23.47
N ASP A 124 -19.06 -8.58 22.29
CA ASP A 124 -19.44 -7.37 21.49
C ASP A 124 -19.01 -6.04 22.16
N LYS B 9 -3.79 31.83 6.83
CA LYS B 9 -3.04 31.28 5.67
C LYS B 9 -3.98 30.80 4.57
N SER B 10 -3.90 31.43 3.40
CA SER B 10 -4.82 31.17 2.27
C SER B 10 -4.83 29.72 1.78
N LYS B 11 -6.02 29.13 1.63
CA LYS B 11 -6.16 27.77 1.08
C LYS B 11 -5.83 27.67 -0.40
N TYR B 12 -5.69 28.81 -1.06
CA TYR B 12 -5.38 28.79 -2.51
C TYR B 12 -3.92 28.60 -2.86
N MET B 13 -3.60 27.49 -3.54
CA MET B 13 -2.25 27.24 -3.99
C MET B 13 -1.83 28.12 -5.18
N THR B 14 -0.57 28.53 -5.16
CA THR B 14 0.06 29.13 -6.32
C THR B 14 0.11 28.16 -7.50
N PRO B 15 0.30 28.67 -8.71
CA PRO B 15 0.46 27.77 -9.87
C PRO B 15 1.55 26.70 -9.69
N MET B 16 2.71 27.07 -9.19
CA MET B 16 3.77 26.09 -8.97
C MET B 16 3.33 25.06 -7.93
N GLN B 17 2.76 25.53 -6.84
CA GLN B 17 2.23 24.61 -5.81
C GLN B 17 1.25 23.60 -6.40
N GLN B 18 0.38 24.08 -7.30
CA GLN B 18 -0.64 23.24 -7.92
C GLN B 18 0.00 22.18 -8.80
N LYS B 19 1.07 22.55 -9.48
CA LYS B 19 1.79 21.66 -10.40
C LYS B 19 2.49 20.55 -9.62
N LEU B 20 3.16 20.94 -8.55
CA LEU B 20 3.82 19.99 -7.63
C LEU B 20 2.77 19.01 -7.09
N ASN B 21 1.64 19.52 -6.59
CA ASN B 21 0.58 18.67 -6.08
C ASN B 21 0.06 17.75 -7.17
N GLU B 22 -0.06 18.25 -8.38
CA GLU B 22 -0.63 17.39 -9.43
C GLU B 22 0.35 16.25 -9.80
N VAL B 23 1.64 16.53 -9.88
CA VAL B 23 2.64 15.48 -10.16
C VAL B 23 2.62 14.44 -9.02
N TYR B 24 2.65 14.91 -7.79
CA TYR B 24 2.60 14.01 -6.61
C TYR B 24 1.35 13.13 -6.66
N GLU B 25 0.19 13.73 -6.91
CA GLU B 25 -1.05 13.00 -6.89
C GLU B 25 -1.14 11.99 -8.05
N ALA B 26 -0.54 12.33 -9.20
CA ALA B 26 -0.60 11.44 -10.39
C ALA B 26 0.10 10.12 -10.07
N VAL B 27 1.23 10.22 -9.39
CA VAL B 27 2.02 9.05 -8.96
C VAL B 27 1.28 8.31 -7.86
N LYS B 28 0.78 9.04 -6.85
CA LYS B 28 0.05 8.42 -5.73
C LYS B 28 -1.19 7.65 -6.20
N ASN B 29 -1.93 8.20 -7.15
CA ASN B 29 -3.30 7.74 -7.44
C ASN B 29 -3.39 6.80 -8.67
N TYR B 30 -2.26 6.59 -9.34
CA TYR B 30 -2.26 5.75 -10.52
C TYR B 30 -2.72 4.32 -10.17
N THR B 31 -3.57 3.75 -11.01
CA THR B 31 -4.02 2.36 -10.80
C THR B 31 -3.85 1.47 -12.05
N ASP B 32 -3.52 0.20 -11.85
CA ASP B 32 -3.67 -0.81 -12.89
C ASP B 32 -5.16 -1.01 -13.25
N LYS B 33 -5.42 -1.94 -14.17
CA LYS B 33 -6.77 -2.15 -14.68
C LYS B 33 -7.73 -2.68 -13.63
N ARG B 34 -7.17 -3.28 -12.58
CA ARG B 34 -7.94 -3.82 -11.47
C ARG B 34 -8.18 -2.82 -10.32
N GLY B 35 -7.75 -1.58 -10.49
CA GLY B 35 -7.84 -0.62 -9.38
C GLY B 35 -6.78 -0.74 -8.32
N ARG B 36 -5.71 -1.52 -8.56
CA ARG B 36 -4.62 -1.58 -7.63
C ARG B 36 -3.76 -0.30 -7.71
N ARG B 37 -3.51 0.35 -6.57
CA ARG B 37 -2.60 1.49 -6.52
C ARG B 37 -1.16 1.05 -6.42
N LEU B 38 -0.39 1.27 -7.46
CA LEU B 38 0.96 0.84 -7.49
C LEU B 38 1.81 1.58 -6.43
N SER B 39 1.36 2.75 -5.99
CA SER B 39 2.09 3.53 -5.03
C SER B 39 2.13 2.88 -3.63
N ALA B 40 1.27 1.89 -3.39
CA ALA B 40 1.06 1.33 -2.06
C ALA B 40 2.38 1.09 -1.30
N ILE B 41 3.33 0.37 -1.91
CA ILE B 41 4.59 -0.02 -1.20
C ILE B 41 5.51 1.19 -1.02
N PHE B 42 5.29 2.23 -1.80
CA PHE B 42 6.13 3.44 -1.80
C PHE B 42 5.66 4.54 -0.87
N LEU B 43 4.51 4.39 -0.25
CA LEU B 43 3.91 5.48 0.54
C LEU B 43 4.79 5.81 1.78
N ARG B 44 5.25 4.80 2.46
CA ARG B 44 6.04 4.99 3.67
C ARG B 44 6.91 3.81 3.97
N LEU B 45 8.20 4.06 4.10
CA LEU B 45 9.16 3.01 4.44
C LEU B 45 8.91 2.53 5.85
N PRO B 46 9.14 1.23 6.09
CA PRO B 46 9.23 0.77 7.46
C PRO B 46 10.48 1.27 8.13
N SER B 47 10.60 0.99 9.43
CA SER B 47 11.75 1.41 10.23
C SER B 47 12.95 0.51 9.99
N ARG B 48 14.11 0.99 10.36
CA ARG B 48 15.32 0.20 10.34
C ARG B 48 15.18 -1.16 11.11
N SER B 49 14.58 -1.14 12.29
CA SER B 49 14.34 -2.40 13.03
C SER B 49 13.48 -3.43 12.29
N GLU B 50 12.48 -2.95 11.57
CA GLU B 50 11.60 -3.84 10.78
C GLU B 50 12.29 -4.43 9.53
N LEU B 51 13.12 -3.63 8.89
CA LEU B 51 13.72 -4.06 7.61
C LEU B 51 15.19 -3.68 7.60
N PRO B 52 15.96 -4.29 8.52
CA PRO B 52 17.36 -3.89 8.65
C PRO B 52 18.17 -4.07 7.38
N ASP B 53 17.91 -5.13 6.62
CA ASP B 53 18.65 -5.36 5.38
C ASP B 53 18.54 -4.19 4.40
N TYR B 54 17.35 -3.60 4.34
CA TYR B 54 17.05 -2.51 3.43
C TYR B 54 17.92 -1.33 3.74
N TYR B 55 17.99 -0.94 5.01
CA TYR B 55 18.76 0.23 5.42
C TYR B 55 20.28 0.01 5.30
N LEU B 56 20.72 -1.26 5.31
CA LEU B 56 22.12 -1.60 5.04
C LEU B 56 22.49 -1.51 3.55
N THR B 57 21.49 -1.61 2.70
CA THR B 57 21.68 -1.59 1.25
C THR B 57 21.48 -0.20 0.61
N ILE B 58 20.48 0.54 1.07
CA ILE B 58 20.02 1.77 0.46
C ILE B 58 20.52 2.94 1.33
N LYS B 59 21.42 3.71 0.74
CA LYS B 59 22.07 4.84 1.42
C LYS B 59 21.20 6.05 1.59
N LYS B 60 20.25 6.28 0.68
CA LYS B 60 19.42 7.49 0.72
C LYS B 60 17.94 7.07 0.62
N PRO B 61 17.38 6.55 1.72
CA PRO B 61 15.99 6.16 1.76
C PRO B 61 15.05 7.30 1.40
N MET B 62 14.06 6.96 0.56
CA MET B 62 13.10 7.91 0.06
C MET B 62 11.72 7.20 0.00
N ASP B 63 10.67 7.92 0.47
CA ASP B 63 9.30 7.46 0.26
C ASP B 63 8.38 8.66 -0.06
N MET B 64 7.11 8.36 -0.35
CA MET B 64 6.18 9.43 -0.71
C MET B 64 5.77 10.29 0.48
N GLU B 65 5.81 9.78 1.71
CA GLU B 65 5.61 10.59 2.88
C GLU B 65 6.67 11.71 3.01
N LYS B 66 7.93 11.40 2.80
CA LYS B 66 8.99 12.42 2.83
C LYS B 66 8.73 13.48 1.78
N ILE B 67 8.37 13.03 0.58
CA ILE B 67 8.06 13.92 -0.52
C ILE B 67 6.85 14.80 -0.14
N ARG B 68 5.77 14.18 0.31
CA ARG B 68 4.55 14.92 0.66
C ARG B 68 4.86 15.96 1.71
N SER B 69 5.64 15.58 2.75
CA SER B 69 5.93 16.50 3.84
C SER B 69 6.72 17.74 3.37
N HIS B 70 7.68 17.50 2.48
CA HIS B 70 8.52 18.57 1.93
C HIS B 70 7.69 19.50 1.06
N MET B 71 6.79 18.90 0.29
CA MET B 71 5.83 19.62 -0.55
C MET B 71 4.89 20.51 0.28
N MET B 72 4.25 19.94 1.31
CA MET B 72 3.36 20.68 2.15
C MET B 72 4.06 21.81 2.93
N ALA B 73 5.35 21.64 3.19
CA ALA B 73 6.19 22.69 3.81
C ALA B 73 6.64 23.76 2.77
N ASN B 74 6.24 23.60 1.50
CA ASN B 74 6.59 24.54 0.42
C ASN B 74 8.11 24.65 0.19
N LYS B 75 8.80 23.55 0.42
CA LYS B 75 10.26 23.52 0.28
C LYS B 75 10.80 23.17 -1.14
N TYR B 76 9.99 22.59 -2.00
CA TYR B 76 10.42 22.34 -3.36
C TYR B 76 10.29 23.64 -4.11
N GLN B 77 11.37 24.10 -4.73
CA GLN B 77 11.32 25.35 -5.46
C GLN B 77 10.83 25.18 -6.92
N ASP B 78 10.95 23.99 -7.46
CA ASP B 78 10.55 23.71 -8.82
C ASP B 78 10.18 22.24 -8.98
N ILE B 79 9.67 21.89 -10.16
CA ILE B 79 9.21 20.53 -10.41
C ILE B 79 10.39 19.55 -10.47
N ASP B 80 11.52 20.01 -11.00
CA ASP B 80 12.69 19.12 -11.13
C ASP B 80 13.16 18.62 -9.78
N SER B 81 13.07 19.46 -8.73
CA SER B 81 13.53 19.03 -7.40
C SER B 81 12.68 17.90 -6.84
N MET B 82 11.38 17.97 -7.05
CA MET B 82 10.48 16.88 -6.68
C MET B 82 10.73 15.63 -7.50
N VAL B 83 10.88 15.81 -8.79
CA VAL B 83 11.16 14.66 -9.65
C VAL B 83 12.45 13.96 -9.20
N GLU B 84 13.49 14.71 -8.83
CA GLU B 84 14.73 14.09 -8.30
C GLU B 84 14.45 13.14 -7.13
N ASP B 85 13.54 13.52 -6.21
CA ASP B 85 13.21 12.66 -5.10
C ASP B 85 12.45 11.39 -5.51
N PHE B 86 11.49 11.50 -6.42
CA PHE B 86 10.84 10.31 -6.98
C PHE B 86 11.85 9.39 -7.68
N VAL B 87 12.78 9.99 -8.44
CA VAL B 87 13.78 9.21 -9.19
C VAL B 87 14.66 8.44 -8.19
N MET B 88 15.05 9.10 -7.11
CA MET B 88 15.77 8.41 -6.02
C MET B 88 14.98 7.22 -5.46
N MET B 89 13.72 7.47 -5.19
CA MET B 89 12.82 6.44 -4.71
C MET B 89 12.78 5.24 -5.65
N PHE B 90 12.64 5.50 -6.94
CA PHE B 90 12.52 4.42 -7.93
C PHE B 90 13.87 3.72 -8.17
N ASN B 91 14.96 4.49 -8.19
CA ASN B 91 16.31 3.92 -8.26
C ASN B 91 16.56 2.95 -7.09
N ASN B 92 16.14 3.33 -5.89
CA ASN B 92 16.28 2.48 -4.69
C ASN B 92 15.51 1.16 -4.85
N ALA B 93 14.28 1.25 -5.36
CA ALA B 93 13.50 0.06 -5.65
C ALA B 93 14.13 -0.86 -6.69
N CYS B 94 14.70 -0.26 -7.72
CA CYS B 94 15.32 -1.01 -8.83
C CYS B 94 16.65 -1.62 -8.41
N THR B 95 17.32 -0.99 -7.46
CA THR B 95 18.56 -1.52 -6.92
C THR B 95 18.31 -2.63 -5.92
N TYR B 96 17.33 -2.40 -5.02
CA TYR B 96 17.10 -3.29 -3.89
C TYR B 96 16.43 -4.63 -4.26
N ASN B 97 15.44 -4.54 -5.15
CA ASN B 97 14.61 -5.66 -5.47
C ASN B 97 15.01 -6.28 -6.81
N GLU B 98 14.74 -7.58 -6.94
CA GLU B 98 15.07 -8.31 -8.19
C GLU B 98 14.19 -7.83 -9.35
N PRO B 99 14.70 -7.89 -10.61
CA PRO B 99 13.83 -7.38 -11.69
C PRO B 99 12.48 -8.12 -11.89
N GLU B 100 12.39 -9.38 -11.48
CA GLU B 100 11.13 -10.12 -11.62
C GLU B 100 10.08 -9.77 -10.54
N SER B 101 10.50 -9.03 -9.52
CA SER B 101 9.62 -8.72 -8.43
C SER B 101 8.57 -7.66 -8.83
N LEU B 102 7.41 -7.75 -8.20
CA LEU B 102 6.32 -6.79 -8.39
C LEU B 102 6.79 -5.38 -8.07
N ILE B 103 7.53 -5.21 -6.97
CA ILE B 103 7.96 -3.86 -6.55
C ILE B 103 8.82 -3.23 -7.64
N TYR B 104 9.79 -3.99 -8.14
CA TYR B 104 10.63 -3.53 -9.28
C TYR B 104 9.75 -3.14 -10.46
N LYS B 105 8.86 -4.03 -10.87
CA LYS B 105 8.01 -3.74 -12.02
C LYS B 105 7.13 -2.48 -11.78
N ASP B 106 6.56 -2.37 -10.58
CA ASP B 106 5.74 -1.21 -10.25
C ASP B 106 6.56 0.10 -10.29
N ALA B 107 7.81 0.08 -9.82
CA ALA B 107 8.69 1.24 -9.85
C ALA B 107 8.85 1.75 -11.29
N LEU B 108 9.06 0.83 -12.22
CA LEU B 108 9.26 1.18 -13.60
C LEU B 108 8.01 1.83 -14.20
N VAL B 109 6.86 1.27 -13.88
CA VAL B 109 5.60 1.86 -14.37
C VAL B 109 5.36 3.27 -13.79
N LEU B 110 5.53 3.41 -12.47
CA LEU B 110 5.34 4.71 -11.86
C LEU B 110 6.33 5.77 -12.30
N HIS B 111 7.56 5.35 -12.58
CA HIS B 111 8.55 6.26 -13.19
C HIS B 111 8.05 6.78 -14.55
N LYS B 112 7.49 5.92 -15.38
CA LYS B 112 6.92 6.37 -16.66
C LYS B 112 5.75 7.30 -16.37
N VAL B 113 4.86 6.95 -15.43
CA VAL B 113 3.77 7.86 -15.06
C VAL B 113 4.29 9.25 -14.64
N LEU B 114 5.33 9.27 -13.80
CA LEU B 114 5.96 10.52 -13.36
C LEU B 114 6.39 11.33 -14.61
N LEU B 115 7.19 10.71 -15.48
CA LEU B 115 7.78 11.42 -16.62
C LEU B 115 6.69 11.89 -17.60
N GLU B 116 5.66 11.06 -17.79
CA GLU B 116 4.53 11.41 -18.69
C GLU B 116 3.72 12.58 -18.15
N THR B 117 3.46 12.56 -16.85
CA THR B 117 2.72 13.65 -16.22
C THR B 117 3.50 14.96 -16.34
N ARG B 118 4.82 14.90 -16.08
CA ARG B 118 5.69 16.06 -16.14
C ARG B 118 5.66 16.65 -17.56
N ARG B 119 5.64 15.78 -18.57
CA ARG B 119 5.53 16.22 -19.97
C ARG B 119 4.14 16.76 -20.32
N ASP B 120 3.07 16.09 -19.86
CA ASP B 120 1.67 16.54 -20.10
C ASP B 120 1.41 17.95 -19.56
N LEU B 121 2.16 18.33 -18.53
CA LEU B 121 1.99 19.60 -17.83
C LEU B 121 3.04 20.63 -18.28
N GLU B 122 3.86 20.29 -19.29
CA GLU B 122 4.92 21.19 -19.76
C GLU B 122 4.37 22.57 -20.15
N GLY B 123 3.16 22.62 -20.69
CA GLY B 123 2.50 23.89 -21.04
C GLY B 123 1.52 24.30 -19.96
N ASP B 124 1.68 23.67 -18.79
CA ASP B 124 0.72 23.72 -17.68
C ASP B 124 -0.69 23.18 -18.05
#